data_4U6N
#
_entry.id   4U6N
#
_cell.length_a   47.490
_cell.length_b   73.820
_cell.length_c   106.370
_cell.angle_alpha   90.00
_cell.angle_beta   90.00
_cell.angle_gamma   90.00
#
_symmetry.space_group_name_H-M   'I 2 2 2'
#
loop_
_entity.id
_entity.type
_entity.pdbx_description
1 polymer 'DnaA initiator-associating protein DiaA'
2 non-polymer 'CHLORIDE ION'
3 water water
#
_entity_poly.entity_id   1
_entity_poly.type   'polypeptide(L)'
_entity_poly.pdbx_seq_one_letter_code
;MHHHHHHNVQERIKACFTESIQTQIAAAEALPDAISRAAMTLVQSLLNGNKILCCGNGTSAANAQHFAASMINRFETERP
SLPAIALNTDNVVLTAIANDRLHDEVYAKQVRALGHAGDVLLAISTRGNSRDIVKAVEAAVTRDMTIVALTGYDGGELAG
LLGPQDVEIRIPSHRSARIQEMHMLTVNCLCDLIDNTLFPHQDD
;
_entity_poly.pdbx_strand_id   A
#
# COMPACT_ATOMS: atom_id res chain seq x y z
N ASN A 8 -6.18 -18.91 31.19
CA ASN A 8 -6.58 -17.53 30.75
C ASN A 8 -5.67 -16.98 29.66
N VAL A 9 -4.65 -17.75 29.33
CA VAL A 9 -4.01 -17.57 28.07
C VAL A 9 -5.09 -17.73 26.99
N GLN A 10 -5.87 -18.80 27.04
CA GLN A 10 -6.97 -19.01 26.08
C GLN A 10 -7.97 -17.81 25.95
N GLU A 11 -8.22 -17.12 27.05
CA GLU A 11 -8.94 -15.84 27.06
C GLU A 11 -8.32 -14.68 26.29
N ARG A 12 -7.02 -14.46 26.51
CA ARG A 12 -6.27 -13.45 25.75
C ARG A 12 -6.29 -13.74 24.25
N ILE A 13 -6.12 -15.02 23.93
CA ILE A 13 -6.14 -15.43 22.54
C ILE A 13 -7.52 -15.14 21.97
N LYS A 14 -8.58 -15.49 22.74
CA LYS A 14 -9.96 -15.19 22.36
C LYS A 14 -10.09 -13.69 22.10
N ALA A 15 -9.56 -12.86 22.99
CA ALA A 15 -9.70 -11.41 22.88
C ALA A 15 -9.07 -10.83 21.66
N CYS A 16 -7.90 -11.40 21.31
CA CYS A 16 -7.12 -10.98 20.20
C CYS A 16 -7.92 -11.36 18.91
N PHE A 17 -8.33 -12.64 18.78
CA PHE A 17 -9.24 -13.09 17.71
C PHE A 17 -10.54 -12.27 17.59
N THR A 18 -11.17 -12.00 18.71
CA THR A 18 -12.37 -11.16 18.78
C THR A 18 -12.19 -9.75 18.19
N GLU A 19 -11.11 -9.10 18.63
CA GLU A 19 -10.85 -7.74 18.22
C GLU A 19 -10.62 -7.67 16.71
N SER A 20 -10.03 -8.73 16.19
CA SER A 20 -9.77 -8.84 14.78
C SER A 20 -11.02 -8.98 13.92
N ILE A 21 -11.87 -9.88 14.39
CA ILE A 21 -13.17 -10.17 13.77
C ILE A 21 -14.01 -8.88 13.78
N GLN A 22 -14.05 -8.18 14.91
CA GLN A 22 -14.76 -6.91 15.00
C GLN A 22 -14.22 -5.88 14.03
N THR A 23 -12.90 -5.85 13.89
CA THR A 23 -12.32 -4.93 12.96
C THR A 23 -12.73 -5.26 11.51
N GLN A 24 -12.63 -6.53 11.13
CA GLN A 24 -12.91 -6.97 9.77
C GLN A 24 -14.36 -6.72 9.42
N ILE A 25 -15.23 -6.91 10.41
CA ILE A 25 -16.69 -6.64 10.19
C ILE A 25 -16.85 -5.13 9.88
N ALA A 26 -16.30 -4.27 10.71
CA ALA A 26 -16.39 -2.83 10.53
C ALA A 26 -15.74 -2.43 9.22
N ALA A 27 -14.63 -3.04 8.83
CA ALA A 27 -14.04 -2.73 7.51
C ALA A 27 -14.92 -3.18 6.31
N ALA A 28 -15.58 -4.33 6.42
CA ALA A 28 -16.49 -4.80 5.36
C ALA A 28 -17.63 -3.78 5.12
N GLU A 29 -18.14 -3.18 6.21
CA GLU A 29 -19.18 -2.13 6.14
C GLU A 29 -18.64 -0.84 5.51
N ALA A 30 -17.42 -0.44 5.88
CA ALA A 30 -16.95 0.93 5.59
C ALA A 30 -16.13 1.10 4.29
N LEU A 31 -15.47 0.04 3.84
CA LEU A 31 -14.42 0.14 2.82
C LEU A 31 -14.67 -0.34 1.42
N PRO A 32 -15.77 -1.07 1.14
CA PRO A 32 -15.82 -1.61 -0.22
C PRO A 32 -15.81 -0.55 -1.36
N ASP A 33 -16.32 0.67 -1.12
CA ASP A 33 -16.32 1.72 -2.17
C ASP A 33 -14.89 2.15 -2.50
N ALA A 34 -14.13 2.33 -1.42
CA ALA A 34 -12.71 2.72 -1.50
C ALA A 34 -11.86 1.62 -2.15
N ILE A 35 -12.10 0.38 -1.78
CA ILE A 35 -11.39 -0.78 -2.32
C ILE A 35 -11.72 -0.85 -3.80
N SER A 36 -12.97 -0.61 -4.12
CA SER A 36 -13.44 -0.66 -5.49
C SER A 36 -12.72 0.36 -6.38
N ARG A 37 -12.67 1.59 -5.85
CA ARG A 37 -12.02 2.73 -6.52
C ARG A 37 -10.46 2.40 -6.76
N ALA A 38 -9.78 2.08 -5.67
CA ALA A 38 -8.39 1.61 -5.72
C ALA A 38 -8.15 0.54 -6.78
N ALA A 39 -9.04 -0.44 -6.83
CA ALA A 39 -8.90 -1.55 -7.76
C ALA A 39 -9.02 -1.08 -9.20
N MET A 40 -9.96 -0.16 -9.42
CA MET A 40 -10.16 0.43 -10.74
CA MET A 40 -10.18 0.51 -10.72
C MET A 40 -8.92 1.23 -11.18
N THR A 41 -8.38 2.06 -10.28
CA THR A 41 -7.12 2.78 -10.49
C THR A 41 -5.95 1.87 -10.84
N LEU A 42 -5.74 0.80 -10.06
CA LEU A 42 -4.65 -0.14 -10.31
C LEU A 42 -4.86 -0.84 -11.65
N VAL A 43 -6.09 -1.26 -11.89
CA VAL A 43 -6.40 -1.90 -13.17
C VAL A 43 -6.14 -0.93 -14.33
N GLN A 44 -6.57 0.32 -14.20
CA GLN A 44 -6.43 1.30 -15.32
C GLN A 44 -4.94 1.56 -15.64
N SER A 45 -4.17 1.77 -14.57
CA SER A 45 -2.74 2.04 -14.73
C SER A 45 -2.06 0.86 -15.45
N LEU A 46 -2.41 -0.34 -15.03
CA LEU A 46 -1.81 -1.56 -15.59
C LEU A 46 -2.24 -1.72 -17.00
N LEU A 47 -3.49 -1.39 -17.28
CA LEU A 47 -3.97 -1.42 -18.68
C LEU A 47 -3.26 -0.42 -19.55
N ASN A 48 -2.85 0.72 -19.00
CA ASN A 48 -2.15 1.71 -19.79
C ASN A 48 -0.68 1.39 -20.03
N GLY A 49 -0.23 0.24 -19.55
CA GLY A 49 1.14 -0.20 -19.66
C GLY A 49 1.98 0.32 -18.52
N ASN A 50 1.36 0.93 -17.51
CA ASN A 50 2.11 1.46 -16.37
C ASN A 50 2.38 0.41 -15.31
N LYS A 51 3.10 0.81 -14.23
CA LYS A 51 3.51 -0.10 -13.19
C LYS A 51 3.09 0.49 -11.86
N ILE A 52 3.19 -0.36 -10.83
CA ILE A 52 2.85 0.05 -9.50
C ILE A 52 4.08 -0.02 -8.60
N LEU A 53 4.43 1.11 -8.03
CA LEU A 53 5.53 1.22 -7.05
C LEU A 53 4.88 1.15 -5.69
N CYS A 54 5.50 0.45 -4.73
CA CYS A 54 4.85 0.16 -3.45
C CYS A 54 5.87 0.55 -2.43
N CYS A 55 5.41 1.13 -1.31
CA CYS A 55 6.32 1.35 -0.21
C CYS A 55 5.61 1.32 1.12
N GLY A 56 6.36 0.99 2.14
CA GLY A 56 5.86 0.89 3.48
C GLY A 56 7.05 0.62 4.39
N ASN A 57 6.86 0.84 5.66
CA ASN A 57 7.84 0.51 6.67
C ASN A 57 7.37 -0.62 7.58
N GLY A 58 8.33 -1.44 8.03
CA GLY A 58 8.04 -2.46 9.00
C GLY A 58 7.09 -3.45 8.44
N THR A 59 6.06 -3.77 9.20
CA THR A 59 5.08 -4.71 8.71
C THR A 59 4.41 -4.22 7.41
N SER A 60 4.32 -2.89 7.24
CA SER A 60 3.76 -2.35 6.01
C SER A 60 4.68 -2.57 4.81
N ALA A 61 6.02 -2.62 5.08
CA ALA A 61 6.97 -3.09 4.09
C ALA A 61 6.71 -4.51 3.69
N ALA A 62 6.38 -5.38 4.66
CA ALA A 62 6.04 -6.77 4.36
C ALA A 62 4.76 -6.86 3.48
N ASN A 63 3.79 -6.04 3.87
CA ASN A 63 2.54 -5.97 3.08
C ASN A 63 2.76 -5.48 1.65
N ALA A 64 3.64 -4.50 1.51
CA ALA A 64 4.04 -4.03 0.17
C ALA A 64 4.66 -5.10 -0.68
N GLN A 65 5.59 -5.85 -0.08
CA GLN A 65 6.26 -6.94 -0.80
C GLN A 65 5.26 -8.01 -1.14
N HIS A 66 4.30 -8.24 -0.24
CA HIS A 66 3.21 -9.21 -0.50
C HIS A 66 2.46 -8.81 -1.80
N PHE A 67 2.13 -7.54 -1.91
CA PHE A 67 1.48 -7.06 -3.13
C PHE A 67 2.34 -7.29 -4.33
N ALA A 68 3.60 -6.86 -4.23
CA ALA A 68 4.57 -6.99 -5.29
C ALA A 68 4.71 -8.39 -5.77
N ALA A 69 4.85 -9.33 -4.86
CA ALA A 69 4.92 -10.72 -5.23
C ALA A 69 3.65 -11.25 -5.85
N SER A 70 2.50 -10.84 -5.34
CA SER A 70 1.22 -11.28 -5.98
C SER A 70 1.09 -10.86 -7.48
N MET A 71 1.63 -9.69 -7.77
CA MET A 71 1.68 -9.12 -9.14
C MET A 71 2.76 -9.80 -10.04
N ILE A 72 4.01 -9.82 -9.54
CA ILE A 72 5.15 -10.36 -10.31
C ILE A 72 5.05 -11.83 -10.46
N ASN A 73 4.73 -12.55 -9.39
CA ASN A 73 4.61 -14.00 -9.54
C ASN A 73 3.15 -14.38 -9.87
N ARG A 74 2.31 -14.51 -8.86
CA ARG A 74 0.92 -14.86 -9.04
C ARG A 74 0.21 -14.57 -7.74
N PHE A 75 -1.08 -14.37 -7.87
CA PHE A 75 -1.95 -14.35 -6.72
C PHE A 75 -2.63 -15.71 -6.59
N GLU A 76 -3.48 -16.12 -7.54
CA GLU A 76 -3.93 -17.51 -7.57
C GLU A 76 -3.79 -18.14 -8.99
N THR A 77 -4.46 -17.48 -9.92
CA THR A 77 -4.45 -17.89 -11.35
C THR A 77 -3.01 -17.78 -11.99
N GLU A 78 -2.54 -18.87 -12.63
CA GLU A 78 -1.43 -18.78 -13.60
C GLU A 78 -1.84 -17.73 -14.66
N ARG A 79 -1.09 -16.63 -14.79
CA ARG A 79 -1.30 -15.52 -15.77
C ARG A 79 0.03 -14.75 -15.88
N PRO A 80 0.18 -13.83 -16.88
CA PRO A 80 1.48 -13.14 -17.00
C PRO A 80 1.95 -12.33 -15.76
N SER A 81 3.27 -12.14 -15.62
CA SER A 81 3.81 -11.39 -14.49
C SER A 81 3.40 -9.94 -14.76
N LEU A 82 2.94 -9.25 -13.74
CA LEU A 82 2.52 -7.86 -13.82
C LEU A 82 3.50 -6.95 -13.09
N PRO A 83 3.69 -5.71 -13.56
CA PRO A 83 4.76 -4.86 -13.06
C PRO A 83 4.43 -4.12 -11.77
N ALA A 84 4.99 -4.61 -10.66
CA ALA A 84 4.90 -3.97 -9.35
C ALA A 84 6.28 -4.08 -8.70
N ILE A 85 6.74 -3.01 -8.06
CA ILE A 85 8.01 -2.99 -7.35
C ILE A 85 7.80 -2.41 -5.96
N ALA A 86 8.29 -3.13 -4.96
CA ALA A 86 8.41 -2.59 -3.61
C ALA A 86 9.75 -1.83 -3.47
N LEU A 87 9.68 -0.60 -3.00
CA LEU A 87 10.82 0.29 -2.84
C LEU A 87 11.53 0.15 -1.47
N ASN A 88 11.12 -0.84 -0.69
CA ASN A 88 11.62 -1.03 0.64
C ASN A 88 12.36 -2.42 0.64
N THR A 89 12.99 -2.86 -0.47
CA THR A 89 13.67 -4.14 -0.47
C THR A 89 15.17 -4.10 -0.70
N ASP A 90 15.67 -3.08 -1.36
CA ASP A 90 17.10 -3.08 -1.68
C ASP A 90 17.80 -2.43 -0.49
N ASN A 91 18.35 -3.28 0.37
CA ASN A 91 18.94 -2.86 1.61
C ASN A 91 20.19 -2.03 1.35
N VAL A 92 20.86 -2.30 0.21
CA VAL A 92 22.04 -1.58 -0.13
C VAL A 92 21.67 -0.11 -0.52
N VAL A 93 20.64 0.02 -1.32
CA VAL A 93 20.10 1.34 -1.68
C VAL A 93 19.64 2.14 -0.44
N LEU A 94 18.82 1.54 0.36
CA LEU A 94 18.19 2.15 1.53
C LEU A 94 19.24 2.58 2.51
N THR A 95 20.21 1.71 2.79
CA THR A 95 21.26 2.07 3.79
C THR A 95 22.26 3.03 3.23
N ALA A 96 22.48 3.02 1.91
CA ALA A 96 23.39 4.04 1.27
C ALA A 96 22.85 5.47 1.47
N ILE A 97 21.55 5.58 1.30
CA ILE A 97 20.83 6.86 1.49
C ILE A 97 20.79 7.25 2.97
N ALA A 98 20.55 6.28 3.83
CA ALA A 98 20.65 6.54 5.25
C ALA A 98 22.08 6.93 5.64
N ASN A 99 23.12 6.37 4.99
CA ASN A 99 24.54 6.62 5.31
C ASN A 99 24.98 8.04 4.97
N ASP A 100 24.54 8.49 3.80
CA ASP A 100 24.49 9.97 3.49
C ASP A 100 23.44 10.32 4.52
N ARG A 101 23.09 11.53 4.86
CA ARG A 101 22.21 11.65 6.05
CA ARG A 101 22.21 11.63 6.05
C ARG A 101 20.78 11.91 5.63
N LEU A 102 20.30 11.14 4.66
CA LEU A 102 19.05 11.43 3.94
C LEU A 102 17.94 10.48 4.19
N HIS A 103 17.69 10.18 5.45
CA HIS A 103 16.77 9.09 5.81
C HIS A 103 15.38 9.28 5.26
N ASP A 104 14.93 10.54 5.18
CA ASP A 104 13.62 10.84 4.67
C ASP A 104 13.42 10.68 3.18
N GLU A 105 14.51 10.58 2.44
CA GLU A 105 14.49 10.45 0.98
C GLU A 105 14.64 9.04 0.47
N VAL A 106 14.65 8.01 1.34
CA VAL A 106 14.94 6.67 0.90
C VAL A 106 14.02 6.17 -0.19
N TYR A 107 12.75 6.47 -0.12
CA TYR A 107 11.75 6.10 -1.12
C TYR A 107 11.57 7.23 -2.17
N ALA A 108 11.57 8.48 -1.76
CA ALA A 108 11.47 9.63 -2.72
C ALA A 108 12.50 9.58 -3.86
N LYS A 109 13.75 9.21 -3.56
CA LYS A 109 14.76 9.08 -4.61
C LYS A 109 14.41 8.01 -5.59
N GLN A 110 13.90 6.88 -5.10
CA GLN A 110 13.49 5.79 -5.94
C GLN A 110 12.29 6.19 -6.86
N VAL A 111 11.32 6.85 -6.30
CA VAL A 111 10.12 7.34 -7.04
C VAL A 111 10.55 8.36 -8.11
N ARG A 112 11.44 9.23 -7.73
CA ARG A 112 11.92 10.23 -8.72
C ARG A 112 12.70 9.57 -9.83
N ALA A 113 13.52 8.56 -9.52
CA ALA A 113 14.34 7.95 -10.57
C ALA A 113 13.45 7.08 -11.46
N LEU A 114 12.52 6.32 -10.84
CA LEU A 114 11.76 5.26 -11.50
C LEU A 114 10.33 5.55 -11.99
N GLY A 115 9.62 6.50 -11.36
CA GLY A 115 8.24 6.75 -11.65
C GLY A 115 8.02 7.35 -13.02
N HIS A 116 6.95 6.91 -13.71
CA HIS A 116 6.49 7.56 -14.95
C HIS A 116 5.07 8.09 -14.71
N ALA A 117 4.73 9.21 -15.30
CA ALA A 117 3.33 9.62 -15.31
C ALA A 117 2.40 8.44 -15.65
N GLY A 118 1.35 8.29 -14.85
CA GLY A 118 0.39 7.22 -15.07
C GLY A 118 0.62 6.00 -14.21
N ASP A 119 1.79 5.93 -13.57
CA ASP A 119 2.10 4.90 -12.60
C ASP A 119 1.31 5.20 -11.36
N VAL A 120 1.18 4.18 -10.55
CA VAL A 120 0.60 4.26 -9.18
C VAL A 120 1.64 4.03 -8.07
N LEU A 121 1.56 4.84 -7.02
CA LEU A 121 2.31 4.59 -5.79
C LEU A 121 1.26 4.01 -4.82
N LEU A 122 1.44 2.74 -4.45
CA LEU A 122 0.73 2.09 -3.38
C LEU A 122 1.51 2.34 -2.09
N ALA A 123 1.02 3.26 -1.29
CA ALA A 123 1.67 3.67 -0.04
C ALA A 123 0.90 3.06 1.13
N ILE A 124 1.63 2.33 1.95
CA ILE A 124 1.05 1.60 3.10
C ILE A 124 1.63 2.09 4.41
N SER A 125 0.77 2.56 5.32
CA SER A 125 1.21 3.03 6.61
C SER A 125 0.09 2.85 7.62
N THR A 126 0.38 2.33 8.81
CA THR A 126 -0.68 2.32 9.87
C THR A 126 -1.13 3.76 10.32
N ARG A 127 -0.22 4.71 10.58
CA ARG A 127 -0.61 6.05 11.02
C ARG A 127 -0.58 7.10 9.92
N GLY A 128 0.24 6.84 8.88
CA GLY A 128 0.39 7.76 7.77
C GLY A 128 1.22 9.00 8.11
N ASN A 129 2.12 8.84 9.07
CA ASN A 129 2.90 9.96 9.52
C ASN A 129 4.36 9.95 9.16
N SER A 130 4.96 8.79 8.87
CA SER A 130 6.41 8.74 8.61
C SER A 130 6.85 9.61 7.46
N ARG A 131 7.89 10.39 7.70
CA ARG A 131 8.35 11.42 6.77
CA ARG A 131 8.34 11.41 6.78
C ARG A 131 8.78 10.79 5.44
N ASP A 132 9.34 9.57 5.49
CA ASP A 132 9.82 8.94 4.27
C ASP A 132 8.72 8.54 3.29
N ILE A 133 7.58 8.13 3.86
CA ILE A 133 6.38 7.78 3.10
C ILE A 133 5.70 9.08 2.59
N VAL A 134 5.63 10.09 3.44
CA VAL A 134 5.03 11.39 3.08
C VAL A 134 5.74 11.85 1.79
N LYS A 135 7.07 11.78 1.83
CA LYS A 135 7.90 12.29 0.73
C LYS A 135 7.84 11.42 -0.53
N ALA A 136 7.68 10.13 -0.38
CA ALA A 136 7.46 9.24 -1.53
C ALA A 136 6.18 9.67 -2.25
N VAL A 137 5.14 9.85 -1.46
CA VAL A 137 3.87 10.35 -1.97
C VAL A 137 4.05 11.72 -2.61
N GLU A 138 4.75 12.63 -1.95
CA GLU A 138 4.83 13.93 -2.61
C GLU A 138 5.76 13.92 -3.78
N ALA A 139 6.75 13.04 -3.87
CA ALA A 139 7.49 12.95 -5.17
C ALA A 139 6.68 12.26 -6.25
N ALA A 140 5.75 11.38 -5.86
CA ALA A 140 4.93 10.66 -6.85
C ALA A 140 3.90 11.61 -7.51
N VAL A 141 3.30 12.42 -6.66
CA VAL A 141 2.43 13.48 -7.13
C VAL A 141 3.13 14.36 -8.14
N THR A 142 4.28 14.92 -7.79
CA THR A 142 5.14 15.59 -8.74
C THR A 142 5.19 14.80 -10.06
N ARG A 143 5.62 13.54 -10.03
CA ARG A 143 5.74 12.71 -11.24
C ARG A 143 4.42 12.35 -11.98
N ASP A 144 3.30 12.93 -11.56
CA ASP A 144 1.95 12.66 -12.11
C ASP A 144 1.55 11.23 -12.00
N MET A 145 1.84 10.65 -10.86
CA MET A 145 1.41 9.29 -10.55
C MET A 145 0.15 9.44 -9.70
N THR A 146 -0.67 8.40 -9.65
CA THR A 146 -1.84 8.37 -8.74
C THR A 146 -1.42 7.59 -7.51
N ILE A 147 -2.06 7.92 -6.38
CA ILE A 147 -1.75 7.34 -5.09
C ILE A 147 -2.93 6.49 -4.63
N VAL A 148 -2.60 5.28 -4.19
CA VAL A 148 -3.51 4.45 -3.46
C VAL A 148 -2.82 4.28 -2.12
N ALA A 149 -3.39 4.89 -1.09
CA ALA A 149 -2.90 4.85 0.29
C ALA A 149 -3.69 3.85 1.17
N LEU A 150 -2.98 2.94 1.83
CA LEU A 150 -3.59 2.08 2.82
C LEU A 150 -3.19 2.60 4.17
N THR A 151 -4.17 3.03 4.98
CA THR A 151 -3.85 3.75 6.22
C THR A 151 -4.70 3.22 7.37
N GLY A 152 -4.52 3.76 8.56
CA GLY A 152 -5.47 3.56 9.69
C GLY A 152 -5.39 4.81 10.57
N TYR A 153 -5.95 4.73 11.80
CA TYR A 153 -6.05 5.86 12.72
C TYR A 153 -6.87 6.96 12.02
N ASP A 154 -6.31 8.15 11.84
CA ASP A 154 -7.03 9.21 11.13
C ASP A 154 -6.47 9.50 9.72
N GLY A 155 -5.63 8.60 9.24
CA GLY A 155 -4.95 8.75 7.96
C GLY A 155 -3.66 9.54 7.98
N GLY A 156 -3.39 10.33 9.02
CA GLY A 156 -2.09 10.99 9.20
C GLY A 156 -1.80 12.16 8.27
N GLU A 157 -0.51 12.51 8.05
CA GLU A 157 -0.10 13.53 7.04
C GLU A 157 -0.50 13.03 5.65
N LEU A 158 -0.31 11.72 5.46
CA LEU A 158 -0.56 11.03 4.22
C LEU A 158 -1.92 11.34 3.63
N ALA A 159 -2.98 11.18 4.41
CA ALA A 159 -4.32 11.45 3.93
C ALA A 159 -4.50 12.93 3.60
N GLY A 160 -3.73 13.81 4.24
CA GLY A 160 -3.71 15.23 3.89
C GLY A 160 -3.18 15.52 2.49
N LEU A 161 -2.40 14.61 1.95
CA LEU A 161 -1.75 14.77 0.63
C LEU A 161 -2.59 14.30 -0.58
N LEU A 162 -3.66 13.53 -0.39
CA LEU A 162 -4.37 12.94 -1.53
C LEU A 162 -5.35 13.89 -2.30
N GLY A 163 -5.24 13.87 -3.62
CA GLY A 163 -6.07 14.69 -4.49
C GLY A 163 -7.28 13.92 -5.00
N PRO A 164 -8.02 14.58 -5.92
CA PRO A 164 -9.29 14.03 -6.40
C PRO A 164 -9.19 12.63 -7.06
N GLN A 165 -8.07 12.39 -7.73
CA GLN A 165 -7.81 11.16 -8.45
C GLN A 165 -7.30 9.97 -7.52
N ASP A 166 -6.79 10.35 -6.35
CA ASP A 166 -6.15 9.43 -5.45
C ASP A 166 -7.19 8.72 -4.60
N VAL A 167 -6.78 7.62 -3.95
CA VAL A 167 -7.71 6.78 -3.19
C VAL A 167 -7.07 6.50 -1.83
N GLU A 168 -7.81 6.79 -0.74
CA GLU A 168 -7.39 6.34 0.60
C GLU A 168 -8.25 5.16 1.03
N ILE A 169 -7.62 4.09 1.52
CA ILE A 169 -8.33 2.99 2.14
C ILE A 169 -7.93 3.03 3.63
N ARG A 170 -8.83 3.58 4.46
CA ARG A 170 -8.47 3.87 5.83
C ARG A 170 -9.13 2.82 6.72
N ILE A 171 -8.35 1.87 7.24
CA ILE A 171 -8.94 0.83 8.06
C ILE A 171 -9.48 1.49 9.31
N PRO A 172 -10.71 1.13 9.69
CA PRO A 172 -11.36 1.77 10.84
C PRO A 172 -10.85 1.18 12.15
N SER A 173 -9.65 1.57 12.56
CA SER A 173 -9.03 0.95 13.73
C SER A 173 -7.95 1.89 14.17
N HIS A 174 -7.75 1.95 15.48
CA HIS A 174 -6.67 2.73 16.05
C HIS A 174 -5.70 1.71 16.67
N ARG A 175 -5.64 0.53 16.11
CA ARG A 175 -4.71 -0.48 16.61
C ARG A 175 -3.78 -1.07 15.53
N SER A 176 -2.48 -0.76 15.63
CA SER A 176 -1.56 -1.09 14.52
C SER A 176 -1.62 -2.57 14.10
N ALA A 177 -1.58 -3.50 15.06
CA ALA A 177 -1.64 -4.93 14.69
C ALA A 177 -2.91 -5.27 13.86
N ARG A 178 -4.05 -4.73 14.27
CA ARG A 178 -5.29 -4.96 13.55
C ARG A 178 -5.23 -4.29 12.19
N ILE A 179 -4.76 -3.05 12.18
CA ILE A 179 -4.60 -2.36 10.90
C ILE A 179 -3.75 -3.21 9.90
N GLN A 180 -2.61 -3.74 10.35
CA GLN A 180 -1.71 -4.48 9.49
C GLN A 180 -2.40 -5.69 8.92
N GLU A 181 -3.16 -6.37 9.76
CA GLU A 181 -3.96 -7.57 9.33
C GLU A 181 -4.97 -7.12 8.22
N MET A 182 -5.62 -6.00 8.42
CA MET A 182 -6.64 -5.55 7.45
C MET A 182 -5.96 -5.13 6.14
N HIS A 183 -4.73 -4.66 6.25
CA HIS A 183 -3.93 -4.28 5.05
C HIS A 183 -3.59 -5.51 4.23
N MET A 184 -3.25 -6.60 4.89
CA MET A 184 -3.01 -7.81 4.15
C MET A 184 -4.31 -8.29 3.49
N LEU A 185 -5.42 -8.29 4.23
CA LEU A 185 -6.67 -8.66 3.57
C LEU A 185 -7.01 -7.75 2.39
N THR A 186 -6.93 -6.45 2.60
CA THR A 186 -7.20 -5.45 1.55
C THR A 186 -6.37 -5.74 0.27
N VAL A 187 -5.05 -6.03 0.43
CA VAL A 187 -4.19 -6.32 -0.66
C VAL A 187 -4.70 -7.58 -1.34
N ASN A 188 -5.14 -8.57 -0.56
CA ASN A 188 -5.64 -9.80 -1.15
C ASN A 188 -6.94 -9.59 -1.93
N CYS A 189 -7.82 -8.71 -1.40
CA CYS A 189 -9.08 -8.41 -2.11
C CYS A 189 -8.76 -7.66 -3.39
N LEU A 190 -7.80 -6.72 -3.34
CA LEU A 190 -7.26 -6.04 -4.57
C LEU A 190 -6.67 -7.00 -5.65
N CYS A 191 -5.79 -7.93 -5.28
CA CYS A 191 -5.26 -8.91 -6.23
C CYS A 191 -6.36 -9.75 -6.86
N ASP A 192 -7.35 -10.17 -6.07
CA ASP A 192 -8.56 -10.82 -6.58
C ASP A 192 -9.25 -10.05 -7.71
N LEU A 193 -9.51 -8.76 -7.44
CA LEU A 193 -10.22 -7.84 -8.34
C LEU A 193 -9.41 -7.66 -9.62
N ILE A 194 -8.14 -7.32 -9.42
CA ILE A 194 -7.19 -7.14 -10.51
C ILE A 194 -7.18 -8.37 -11.41
N ASP A 195 -7.05 -9.59 -10.86
CA ASP A 195 -7.04 -10.80 -11.71
C ASP A 195 -8.38 -11.09 -12.37
N ASN A 196 -9.44 -10.88 -11.60
CA ASN A 196 -10.77 -11.16 -12.13
C ASN A 196 -11.09 -10.20 -13.30
N THR A 197 -10.56 -8.97 -13.23
CA THR A 197 -10.80 -7.91 -14.22
C THR A 197 -9.98 -8.06 -15.49
N LEU A 198 -8.69 -8.31 -15.30
CA LEU A 198 -7.75 -8.42 -16.36
C LEU A 198 -7.73 -9.82 -16.94
N PHE A 199 -8.08 -10.81 -16.15
CA PHE A 199 -8.07 -12.15 -16.67
C PHE A 199 -9.30 -12.97 -16.21
N PRO A 200 -10.53 -12.48 -16.45
CA PRO A 200 -11.76 -13.20 -15.97
C PRO A 200 -11.73 -14.73 -16.11
#